data_2OWN
#
_entry.id   2OWN
#
_cell.length_a   106.524
_cell.length_b   106.524
_cell.length_c   234.378
_cell.angle_alpha   90.000
_cell.angle_beta   90.000
_cell.angle_gamma   120.000
#
_symmetry.space_group_name_H-M   'P 61 2 2'
#
loop_
_entity.id
_entity.type
_entity.pdbx_description
1 polymer 'Putative Oleoyl-[acyl-carrier protein] thioesterase'
2 non-polymer 'SULFATE ION'
3 non-polymer 'ACETATE ION'
4 non-polymer 'UNKNOWN LIGAND'
5 non-polymer GLYCEROL
6 water water
#
_entity_poly.entity_id   1
_entity_poly.type   'polypeptide(L)'
_entity_poly.pdbx_seq_one_letter_code
;G(MSE)ATLGANASLYSEQHRITYYECDRTGRATLTTLIDIAVLASEDQSDALGLTTE(MSE)VQSHGVGWVVTQYAIDI
TR(MSE)PRQDEVVTIAVRGSAYNPYFAYREFWIRDADGQQLAYITSIWV(MSE)(MSE)SQTTRRIVKILPELVAPYQS
EVVKRIPRLPRPISFEATDTTITKPYHVRFFDIDPNRHVNNAHYFDWLVDTLPATFLLQHDLVHVDVRYENEVKYGQTVT
AHANILPSEVADQVTTSHLIEVDDEKCCEVTIQWRTLPEPIQ
;
_entity_poly.pdbx_strand_id   A,B
#
# COMPACT_ATOMS: atom_id res chain seq x y z
N THR A 4 14.79 11.65 32.12
CA THR A 4 14.23 10.65 31.17
C THR A 4 15.18 10.48 29.98
N LEU A 5 15.39 9.23 29.55
CA LEU A 5 16.29 8.91 28.41
C LEU A 5 15.79 9.57 27.13
N GLY A 6 16.66 10.36 26.50
CA GLY A 6 16.32 11.07 25.27
C GLY A 6 15.39 12.27 25.40
N ALA A 7 15.15 12.79 26.61
CA ALA A 7 14.26 13.98 26.86
C ALA A 7 14.66 15.23 26.06
N ASN A 8 15.97 15.43 25.89
CA ASN A 8 16.54 16.56 25.11
C ASN A 8 16.83 16.25 23.63
N ALA A 9 16.47 15.05 23.14
CA ALA A 9 16.63 14.70 21.71
C ALA A 9 15.47 15.36 20.97
N SER A 10 15.70 15.71 19.71
CA SER A 10 14.70 16.39 18.86
C SER A 10 13.44 15.54 18.65
N LEU A 11 12.26 16.17 18.77
CA LEU A 11 10.97 15.51 18.61
C LEU A 11 10.37 16.09 17.32
N TYR A 12 10.67 15.41 16.22
CA TYR A 12 10.19 15.80 14.89
C TYR A 12 8.77 15.28 14.74
N SER A 13 7.87 16.13 14.22
CA SER A 13 6.46 15.76 14.02
C SER A 13 5.89 16.23 12.67
N GLU A 14 4.88 15.50 12.21
CA GLU A 14 4.15 15.84 10.98
C GLU A 14 2.74 15.27 11.04
N GLN A 15 1.85 15.87 10.23
CA GLN A 15 0.45 15.44 10.12
CA GLN A 15 0.44 15.48 10.11
C GLN A 15 0.27 14.53 8.91
N HIS A 16 -0.62 13.54 9.06
CA HIS A 16 -0.93 12.57 8.01
C HIS A 16 -2.42 12.21 8.02
N ARG A 17 -3.05 12.33 6.85
CA ARG A 17 -4.45 11.98 6.63
C ARG A 17 -4.45 10.48 6.31
N ILE A 18 -5.14 9.68 7.12
CA ILE A 18 -5.28 8.22 6.90
C ILE A 18 -6.28 8.02 5.75
N THR A 19 -5.83 7.44 4.63
CA THR A 19 -6.68 7.20 3.46
C THR A 19 -7.39 5.84 3.57
N TYR A 20 -8.46 5.66 2.79
CA TYR A 20 -9.22 4.36 2.73
C TYR A 20 -8.30 3.17 2.35
N TYR A 21 -7.36 3.41 1.41
CA TYR A 21 -6.40 2.38 0.91
C TYR A 21 -5.32 1.99 1.93
N GLU A 22 -5.08 2.84 2.92
CA GLU A 22 -4.20 2.57 4.06
C GLU A 22 -4.93 1.77 5.19
N CYS A 23 -6.24 1.53 5.05
CA CYS A 23 -7.05 0.81 6.02
C CYS A 23 -7.48 -0.56 5.54
N ASP A 24 -7.93 -1.37 6.50
CA ASP A 24 -8.47 -2.71 6.26
C ASP A 24 -10.01 -2.54 6.09
N ARG A 25 -10.72 -3.66 5.94
CA ARG A 25 -12.20 -3.66 5.80
C ARG A 25 -13.05 -3.07 6.96
N THR A 26 -12.45 -2.93 8.16
CA THR A 26 -13.12 -2.31 9.33
C THR A 26 -12.99 -0.75 9.37
N GLY A 27 -12.30 -0.14 8.39
CA GLY A 27 -12.07 1.31 8.33
C GLY A 27 -10.98 1.83 9.26
N ARG A 28 -10.06 0.93 9.66
CA ARG A 28 -8.94 1.23 10.56
C ARG A 28 -7.65 0.94 9.85
N ALA A 29 -6.62 1.75 10.17
CA ALA A 29 -5.29 1.60 9.60
C ALA A 29 -4.69 0.23 9.94
N THR A 30 -3.99 -0.36 8.97
CA THR A 30 -3.34 -1.66 9.14
C THR A 30 -1.98 -1.48 9.85
N LEU A 31 -1.42 -2.59 10.35
CA LEU A 31 -0.04 -2.59 10.95
C LEU A 31 1.01 -2.14 9.94
N THR A 32 0.80 -2.54 8.66
CA THR A 32 1.65 -2.16 7.52
C THR A 32 1.66 -0.63 7.45
N THR A 33 0.46 -0.02 7.46
CA THR A 33 0.29 1.46 7.46
C THR A 33 0.94 2.14 8.68
N LEU A 34 0.76 1.56 9.87
CA LEU A 34 1.33 2.11 11.13
C LEU A 34 2.87 2.26 11.03
N ILE A 35 3.53 1.20 10.58
CA ILE A 35 5.01 1.21 10.37
C ILE A 35 5.38 2.15 9.22
N ASP A 36 4.62 2.10 8.12
CA ASP A 36 4.81 3.00 6.95
C ASP A 36 4.87 4.48 7.33
N ILE A 37 3.89 4.91 8.13
CA ILE A 37 3.81 6.32 8.59
C ILE A 37 4.86 6.65 9.66
N ALA A 38 5.20 5.68 10.53
CA ALA A 38 6.28 5.84 11.54
C ALA A 38 7.60 6.14 10.83
N VAL A 39 7.94 5.29 9.87
CA VAL A 39 9.15 5.42 9.05
C VAL A 39 9.14 6.68 8.16
N LEU A 40 7.95 7.08 7.66
CA LEU A 40 7.76 8.33 6.88
C LEU A 40 8.26 9.54 7.69
N ALA A 41 7.81 9.63 8.93
CA ALA A 41 8.21 10.71 9.87
C ALA A 41 9.73 10.69 10.11
N SER A 42 10.28 9.49 10.34
CA SER A 42 11.73 9.28 10.56
C SER A 42 12.56 9.69 9.34
N GLU A 43 12.14 9.29 8.14
CA GLU A 43 12.83 9.67 6.89
C GLU A 43 12.77 11.19 6.66
N ASP A 44 11.61 11.81 6.93
CA ASP A 44 11.43 13.28 6.83
C ASP A 44 12.29 14.05 7.82
N GLN A 45 12.39 13.55 9.06
CA GLN A 45 13.28 14.14 10.08
C GLN A 45 14.72 14.11 9.54
N SER A 46 15.14 12.92 9.11
CA SER A 46 16.49 12.66 8.58
C SER A 46 16.81 13.53 7.35
N ASP A 47 15.87 13.60 6.39
CA ASP A 47 16.00 14.46 5.16
C ASP A 47 16.20 15.93 5.52
N ALA A 48 15.40 16.42 6.49
CA ALA A 48 15.48 17.81 6.99
C ALA A 48 16.85 18.16 7.60
N LEU A 49 17.52 17.17 8.22
CA LEU A 49 18.88 17.32 8.80
C LEU A 49 20.03 17.04 7.80
N GLY A 50 19.73 16.79 6.53
CA GLY A 50 20.72 16.43 5.52
C GLY A 50 21.12 14.96 5.56
N LEU A 51 20.45 14.13 6.39
CA LEU A 51 20.73 12.68 6.53
C LEU A 51 19.80 11.92 5.60
N THR A 52 19.91 12.22 4.31
CA THR A 52 19.12 11.60 3.25
C THR A 52 19.66 10.19 2.99
N THR A 53 18.85 9.36 2.31
CA THR A 53 19.27 7.98 1.95
C THR A 53 20.57 7.98 1.10
N GLU A 54 20.69 8.95 0.18
CA GLU A 54 21.89 9.14 -0.66
C GLU A 54 23.12 9.53 0.17
N VAL A 56 23.59 9.03 3.53
CA VAL A 56 23.94 7.89 4.41
C VAL A 56 24.71 6.82 3.59
N GLN A 57 24.18 6.48 2.41
CA GLN A 57 24.83 5.52 1.49
C GLN A 57 26.23 5.97 1.02
N SER A 58 26.47 7.30 0.91
CA SER A 58 27.82 7.85 0.54
C SER A 58 28.92 7.56 1.62
N HIS A 59 28.52 7.25 2.86
CA HIS A 59 29.44 6.83 3.95
C HIS A 59 29.67 5.29 4.01
N GLY A 60 29.22 4.53 3.00
CA GLY A 60 29.37 3.07 2.93
C GLY A 60 28.55 2.26 3.90
N VAL A 61 27.50 2.86 4.46
CA VAL A 61 26.62 2.24 5.46
C VAL A 61 25.13 2.43 5.17
N GLY A 62 24.31 1.69 5.92
CA GLY A 62 22.84 1.74 5.85
C GLY A 62 22.21 1.36 7.19
N TRP A 63 21.12 2.03 7.55
CA TRP A 63 20.37 1.74 8.79
C TRP A 63 19.44 0.55 8.54
N VAL A 64 19.42 -0.38 9.49
CA VAL A 64 18.56 -1.57 9.46
C VAL A 64 17.88 -1.70 10.83
N VAL A 65 16.55 -1.83 10.85
CA VAL A 65 15.77 -2.02 12.09
C VAL A 65 15.86 -3.50 12.46
N THR A 66 16.23 -3.78 13.72
CA THR A 66 16.32 -5.16 14.24
C THR A 66 15.09 -5.52 15.07
N GLN A 67 14.49 -4.54 15.76
CA GLN A 67 13.30 -4.73 16.58
C GLN A 67 12.34 -3.56 16.69
N TYR A 68 11.05 -3.89 16.85
CA TYR A 68 9.93 -2.98 17.13
C TYR A 68 9.13 -3.54 18.30
N ALA A 69 8.71 -2.65 19.20
CA ALA A 69 7.80 -2.95 20.33
C ALA A 69 6.72 -1.91 20.12
N ILE A 70 5.46 -2.34 19.91
CA ILE A 70 4.35 -1.43 19.59
C ILE A 70 3.21 -1.56 20.62
N ASP A 71 2.86 -0.45 21.29
CA ASP A 71 1.75 -0.38 22.25
C ASP A 71 0.61 0.28 21.48
N ILE A 72 -0.51 -0.42 21.29
CA ILE A 72 -1.68 0.09 20.57
C ILE A 72 -2.83 0.35 21.55
N THR A 73 -3.28 1.60 21.64
CA THR A 73 -4.45 2.03 22.42
C THR A 73 -5.63 1.83 21.45
N ARG A 74 -5.51 2.42 20.25
CA ARG A 74 -6.51 2.32 19.19
C ARG A 74 -5.83 2.57 17.84
N PRO A 76 -5.41 4.15 14.12
CA PRO A 76 -6.01 5.31 13.42
C PRO A 76 -7.16 4.91 12.47
N ARG A 77 -8.21 5.73 12.41
CA ARG A 77 -9.38 5.48 11.57
C ARG A 77 -9.27 6.14 10.21
N GLN A 78 -10.06 5.63 9.25
CA GLN A 78 -10.13 6.20 7.88
C GLN A 78 -10.53 7.68 7.97
N ASP A 79 -9.78 8.52 7.23
CA ASP A 79 -9.94 10.00 7.15
C ASP A 79 -9.57 10.80 8.41
N GLU A 80 -8.93 10.15 9.39
CA GLU A 80 -8.49 10.80 10.61
C GLU A 80 -7.13 11.41 10.25
N VAL A 81 -6.90 12.63 10.74
CA VAL A 81 -5.63 13.33 10.54
C VAL A 81 -4.87 13.04 11.83
N VAL A 82 -3.87 12.15 11.74
CA VAL A 82 -3.03 11.79 12.89
C VAL A 82 -1.71 12.57 12.86
N THR A 83 -1.11 12.75 14.03
CA THR A 83 0.20 13.39 14.18
C THR A 83 1.19 12.27 14.46
N ILE A 84 2.24 12.15 13.64
CA ILE A 84 3.31 11.16 13.82
C ILE A 84 4.52 11.94 14.32
N ALA A 85 4.95 11.65 15.56
CA ALA A 85 6.13 12.27 16.19
C ALA A 85 7.23 11.20 16.25
N VAL A 86 8.48 11.61 16.01
CA VAL A 86 9.64 10.69 16.05
C VAL A 86 10.84 11.33 16.76
N ARG A 87 11.63 10.48 17.42
CA ARG A 87 12.81 10.91 18.17
C ARG A 87 13.92 9.86 18.17
N GLY A 88 15.15 10.27 17.79
CA GLY A 88 16.34 9.39 17.82
C GLY A 88 16.78 9.65 19.27
N SER A 89 16.14 8.94 20.20
CA SER A 89 16.33 9.13 21.65
C SER A 89 17.71 8.83 22.17
N ALA A 90 18.28 7.73 21.71
CA ALA A 90 19.59 7.33 22.18
C ALA A 90 20.37 6.39 21.30
N TYR A 91 21.64 6.22 21.69
CA TYR A 91 22.55 5.31 21.02
C TYR A 91 23.73 4.92 21.91
N ASN A 92 24.28 3.74 21.62
CA ASN A 92 25.51 3.24 22.23
C ASN A 92 26.41 3.00 20.97
N PRO A 93 27.61 2.41 21.13
CA PRO A 93 28.48 2.15 19.96
C PRO A 93 27.88 1.37 18.77
N TYR A 94 27.00 0.40 19.04
CA TYR A 94 26.39 -0.47 18.00
C TYR A 94 24.88 -0.39 17.77
N PHE A 95 24.12 0.20 18.69
CA PHE A 95 22.64 0.28 18.59
C PHE A 95 22.11 1.68 18.78
N ALA A 96 21.07 2.03 18.00
CA ALA A 96 20.36 3.31 18.08
C ALA A 96 18.95 2.96 18.55
N TYR A 97 18.43 3.75 19.49
CA TYR A 97 17.10 3.57 20.10
C TYR A 97 16.24 4.72 19.61
N ARG A 98 15.21 4.40 18.81
CA ARG A 98 14.30 5.37 18.21
C ARG A 98 12.85 5.13 18.64
N GLU A 99 12.19 6.21 19.06
CA GLU A 99 10.80 6.20 19.52
C GLU A 99 9.89 6.93 18.54
N PHE A 100 8.63 6.47 18.49
CA PHE A 100 7.59 7.05 17.64
C PHE A 100 6.27 7.11 18.42
N TRP A 101 5.52 8.19 18.20
CA TRP A 101 4.19 8.38 18.79
C TRP A 101 3.23 8.74 17.67
N ILE A 102 2.09 8.05 17.60
CA ILE A 102 0.99 8.31 16.66
C ILE A 102 -0.13 8.83 17.55
N ARG A 103 -0.53 10.08 17.34
CA ARG A 103 -1.57 10.75 18.13
C ARG A 103 -2.69 11.29 17.27
N ASP A 104 -3.89 11.42 17.87
CA ASP A 104 -5.06 12.01 17.19
C ASP A 104 -4.90 13.56 17.18
N ALA A 105 -5.88 14.28 16.60
CA ALA A 105 -5.90 15.78 16.54
C ALA A 105 -5.80 16.51 17.91
N ASP A 106 -6.34 15.88 18.97
CA ASP A 106 -6.26 16.39 20.36
C ASP A 106 -4.93 16.03 21.06
N GLY A 107 -4.09 15.20 20.42
CA GLY A 107 -2.84 14.76 20.97
C GLY A 107 -2.95 13.54 21.86
N GLN A 108 -4.06 12.78 21.81
CA GLN A 108 -4.22 11.55 22.61
C GLN A 108 -3.43 10.48 21.86
N GLN A 109 -2.66 9.69 22.60
CA GLN A 109 -1.83 8.63 22.03
C GLN A 109 -2.69 7.47 21.47
N LEU A 110 -2.47 7.16 20.18
CA LEU A 110 -3.14 6.06 19.46
C LEU A 110 -2.20 4.85 19.48
N ALA A 111 -0.92 5.09 19.14
CA ALA A 111 0.13 4.08 19.17
C ALA A 111 1.48 4.67 19.62
N TYR A 112 2.26 3.83 20.30
CA TYR A 112 3.61 4.16 20.79
C TYR A 112 4.53 3.03 20.32
N ILE A 113 5.60 3.40 19.62
CA ILE A 113 6.55 2.45 19.06
C ILE A 113 7.97 2.74 19.53
N THR A 114 8.64 1.71 20.05
CA THR A 114 10.07 1.76 20.42
C THR A 114 10.76 0.87 19.40
N SER A 115 12.03 1.16 19.11
CA SER A 115 12.78 0.40 18.12
C SER A 115 14.27 0.43 18.30
N ILE A 116 14.93 -0.62 17.80
CA ILE A 116 16.38 -0.79 17.82
C ILE A 116 16.85 -0.87 16.36
N TRP A 117 17.85 -0.04 16.04
CA TRP A 117 18.46 0.04 14.71
C TRP A 117 19.97 -0.17 14.82
N VAL A 118 20.52 -0.85 13.82
CA VAL A 118 21.97 -1.09 13.69
C VAL A 118 22.42 -0.46 12.38
N SER A 121 27.16 -2.29 7.13
CA SER A 121 28.15 -1.90 6.11
C SER A 121 27.68 -2.37 4.74
N GLN A 122 27.59 -1.45 3.77
CA GLN A 122 27.18 -1.76 2.37
C GLN A 122 28.17 -2.68 1.62
N THR A 123 29.46 -2.63 1.99
CA THR A 123 30.54 -3.45 1.39
C THR A 123 30.69 -4.82 2.08
N THR A 124 31.06 -4.81 3.36
CA THR A 124 31.27 -6.05 4.15
C THR A 124 29.99 -6.80 4.60
N ARG A 125 28.81 -6.17 4.51
CA ARG A 125 27.49 -6.77 4.89
C ARG A 125 27.34 -7.18 6.39
N ARG A 126 28.17 -6.59 7.27
CA ARG A 126 28.20 -6.85 8.73
C ARG A 126 27.94 -5.57 9.53
N ILE A 127 27.53 -5.75 10.80
CA ILE A 127 27.24 -4.64 11.71
C ILE A 127 28.56 -3.95 12.11
N VAL A 128 28.57 -2.63 12.00
CA VAL A 128 29.70 -1.77 12.35
C VAL A 128 29.28 -0.77 13.42
N LYS A 129 30.25 -0.08 14.02
CA LYS A 129 29.94 0.97 15.02
C LYS A 129 29.18 2.12 14.34
N ILE A 130 28.28 2.73 15.10
CA ILE A 130 27.46 3.84 14.64
C ILE A 130 28.40 5.03 14.44
N LEU A 131 28.39 5.57 13.22
CA LEU A 131 29.17 6.74 12.82
C LEU A 131 28.49 7.92 13.53
N PRO A 132 29.18 8.61 14.49
CA PRO A 132 28.56 9.72 15.25
C PRO A 132 27.98 10.87 14.40
N GLU A 133 28.59 11.16 13.23
CA GLU A 133 28.07 12.19 12.29
C GLU A 133 26.66 11.84 11.72
N LEU A 134 26.30 10.54 11.68
CA LEU A 134 24.96 10.06 11.23
C LEU A 134 23.90 9.97 12.35
N VAL A 135 24.29 10.16 13.63
CA VAL A 135 23.37 10.18 14.82
C VAL A 135 23.35 11.54 15.52
N ALA A 136 24.49 12.24 15.59
CA ALA A 136 24.63 13.60 16.21
C ALA A 136 23.52 14.62 15.87
N PRO A 137 23.15 14.77 14.55
CA PRO A 137 22.06 15.71 14.14
C PRO A 137 20.69 15.49 14.84
N TYR A 138 20.39 14.25 15.24
CA TYR A 138 19.15 13.96 15.99
C TYR A 138 19.17 14.41 17.48
N GLN A 139 20.37 14.83 17.99
CA GLN A 139 20.58 15.25 19.39
CA GLN A 139 20.56 15.26 19.39
C GLN A 139 20.30 14.07 20.35
N SER A 140 20.71 12.86 19.91
CA SER A 140 20.51 11.62 20.66
C SER A 140 21.39 11.55 21.91
N GLU A 141 20.85 10.96 22.98
CA GLU A 141 21.57 10.80 24.25
C GLU A 141 22.47 9.58 24.14
N VAL A 142 23.76 9.75 24.44
CA VAL A 142 24.71 8.63 24.43
C VAL A 142 24.51 7.84 25.73
N VAL A 143 24.49 6.51 25.61
CA VAL A 143 24.33 5.57 26.74
C VAL A 143 25.28 4.38 26.61
N LYS A 144 25.49 3.67 27.71
CA LYS A 144 26.32 2.44 27.73
C LYS A 144 25.36 1.30 27.32
N ARG A 145 24.26 1.17 28.09
CA ARG A 145 23.23 0.15 27.91
C ARG A 145 22.04 0.73 27.14
N ILE A 146 21.79 0.18 25.95
CA ILE A 146 20.66 0.58 25.09
C ILE A 146 19.41 -0.10 25.72
N PRO A 147 18.21 0.55 25.72
CA PRO A 147 17.01 -0.11 26.30
C PRO A 147 16.65 -1.45 25.64
N ARG A 148 16.25 -2.42 26.47
CA ARG A 148 15.88 -3.76 26.02
C ARG A 148 14.39 -3.78 25.68
N LEU A 149 14.06 -4.30 24.50
CA LEU A 149 12.69 -4.49 24.03
C LEU A 149 12.36 -5.97 24.31
N PRO A 150 11.11 -6.29 24.71
CA PRO A 150 10.77 -7.70 24.99
C PRO A 150 10.89 -8.56 23.72
N ARG A 151 11.63 -9.66 23.79
CA ARG A 151 11.80 -10.54 22.63
C ARG A 151 10.48 -11.23 22.27
N PRO A 152 10.21 -11.44 20.96
CA PRO A 152 9.04 -12.23 20.61
C PRO A 152 9.25 -13.71 21.05
N ILE A 153 8.15 -14.44 21.18
CA ILE A 153 8.16 -15.88 21.53
C ILE A 153 8.93 -16.58 20.41
N SER A 154 9.89 -17.44 20.78
CA SER A 154 10.67 -18.22 19.80
C SER A 154 9.65 -19.18 19.19
N PHE A 155 9.36 -19.00 17.89
CA PHE A 155 8.36 -19.81 17.22
C PHE A 155 8.70 -21.31 17.13
N GLU A 156 7.72 -22.13 17.51
CA GLU A 156 7.79 -23.59 17.46
C GLU A 156 6.42 -24.10 16.95
N ALA A 157 6.44 -25.18 16.16
CA ALA A 157 5.19 -25.77 15.63
C ALA A 157 4.30 -26.34 16.75
N THR A 158 2.98 -26.22 16.54
CA THR A 158 1.94 -26.74 17.44
C THR A 158 0.94 -27.54 16.59
N ASP A 159 -0.04 -28.17 17.25
CA ASP A 159 -1.10 -28.94 16.55
C ASP A 159 -2.08 -28.08 15.75
N THR A 160 -2.14 -26.76 16.01
CA THR A 160 -3.03 -25.81 15.32
C THR A 160 -2.26 -24.76 14.48
N THR A 161 -0.97 -25.00 14.16
CA THR A 161 -0.15 -24.07 13.36
C THR A 161 -0.76 -23.83 11.97
N ILE A 162 -0.99 -22.56 11.65
CA ILE A 162 -1.53 -22.10 10.37
C ILE A 162 -0.28 -21.73 9.57
N THR A 163 -0.18 -22.26 8.35
CA THR A 163 0.94 -22.00 7.44
C THR A 163 0.40 -21.60 6.06
N LYS A 164 0.93 -20.50 5.51
CA LYS A 164 0.56 -19.98 4.17
C LYS A 164 1.80 -19.48 3.42
N PRO A 165 1.94 -19.82 2.11
CA PRO A 165 3.06 -19.30 1.34
C PRO A 165 2.75 -17.90 0.77
N TYR A 166 3.78 -17.07 0.64
CA TYR A 166 3.69 -15.73 0.04
C TYR A 166 4.94 -15.49 -0.81
N HIS A 167 4.77 -14.95 -2.01
CA HIS A 167 5.89 -14.63 -2.92
C HIS A 167 6.19 -13.15 -2.74
N VAL A 168 7.48 -12.80 -2.74
CA VAL A 168 7.95 -11.42 -2.58
C VAL A 168 7.72 -10.76 -3.94
N ARG A 169 6.85 -9.75 -3.96
CA ARG A 169 6.49 -9.04 -5.19
C ARG A 169 7.42 -7.88 -5.47
N PHE A 170 7.35 -7.39 -6.71
CA PHE A 170 8.11 -6.22 -7.16
C PHE A 170 7.76 -5.01 -6.26
N PHE A 171 6.45 -4.74 -6.06
CA PHE A 171 6.01 -3.61 -5.19
C PHE A 171 6.36 -3.74 -3.69
N ASP A 172 6.82 -4.92 -3.23
CA ASP A 172 7.32 -5.08 -1.84
C ASP A 172 8.71 -4.44 -1.65
N ILE A 173 9.43 -4.14 -2.74
CA ILE A 173 10.76 -3.52 -2.72
C ILE A 173 10.52 -2.01 -2.79
N ASP A 174 10.86 -1.26 -1.73
CA ASP A 174 10.66 0.22 -1.71
C ASP A 174 11.88 0.96 -2.36
N PRO A 175 11.82 2.32 -2.55
CA PRO A 175 12.91 3.12 -3.18
C PRO A 175 14.39 2.85 -2.77
N ASN A 176 14.65 2.39 -1.53
CA ASN A 176 16.05 2.03 -1.09
C ASN A 176 16.62 0.67 -1.64
N ARG A 177 15.89 -0.01 -2.56
CA ARG A 177 16.27 -1.29 -3.23
C ARG A 177 16.15 -2.57 -2.35
N HIS A 178 15.55 -2.46 -1.16
CA HIS A 178 15.34 -3.58 -0.21
C HIS A 178 13.84 -3.72 0.04
N VAL A 179 13.44 -4.87 0.62
CA VAL A 179 12.02 -5.13 0.92
CA VAL A 179 12.02 -5.14 0.95
C VAL A 179 11.59 -4.19 2.07
N ASN A 180 10.38 -3.64 1.95
CA ASN A 180 9.84 -2.74 2.94
C ASN A 180 9.39 -3.68 4.08
N ASN A 181 10.08 -3.57 5.23
CA ASN A 181 9.76 -4.32 6.48
C ASN A 181 8.29 -4.27 6.88
N ALA A 182 7.63 -3.13 6.59
CA ALA A 182 6.19 -2.94 6.85
C ALA A 182 5.35 -4.02 6.16
N HIS A 183 5.73 -4.42 4.93
CA HIS A 183 5.03 -5.49 4.17
C HIS A 183 5.03 -6.88 4.82
N TYR A 184 5.95 -7.16 5.78
CA TYR A 184 5.94 -8.44 6.55
C TYR A 184 4.57 -8.62 7.25
N PHE A 185 3.96 -7.51 7.72
CA PHE A 185 2.61 -7.53 8.34
C PHE A 185 1.50 -7.94 7.40
N ASP A 186 1.66 -7.69 6.08
CA ASP A 186 0.68 -8.17 5.06
C ASP A 186 0.58 -9.71 5.12
N TRP A 187 1.74 -10.37 5.29
CA TRP A 187 1.85 -11.83 5.34
C TRP A 187 1.43 -12.36 6.71
N LEU A 188 2.00 -11.77 7.77
CA LEU A 188 1.74 -12.14 9.19
C LEU A 188 0.27 -12.09 9.57
N VAL A 189 -0.38 -10.95 9.28
CA VAL A 189 -1.81 -10.73 9.59
C VAL A 189 -2.72 -11.59 8.73
N ASP A 190 -2.43 -11.69 7.41
CA ASP A 190 -3.22 -12.53 6.48
C ASP A 190 -3.17 -14.05 6.81
N THR A 191 -2.13 -14.50 7.53
CA THR A 191 -2.03 -15.91 8.02
C THR A 191 -3.24 -16.26 8.93
N LEU A 192 -3.67 -15.29 9.74
CA LEU A 192 -4.83 -15.44 10.64
C LEU A 192 -6.14 -15.34 9.79
N PRO A 193 -7.20 -16.11 10.14
CA PRO A 193 -8.45 -16.07 9.36
C PRO A 193 -9.24 -14.77 9.59
N ALA A 194 -10.00 -14.35 8.57
CA ALA A 194 -10.85 -13.11 8.62
C ALA A 194 -11.76 -13.04 9.86
N THR A 195 -12.32 -14.19 10.27
CA THR A 195 -13.17 -14.32 11.49
C THR A 195 -12.42 -13.92 12.75
N PHE A 196 -11.16 -14.35 12.88
CA PHE A 196 -10.27 -13.98 14.01
C PHE A 196 -9.98 -12.47 13.98
N LEU A 197 -9.59 -11.98 12.79
CA LEU A 197 -9.25 -10.55 12.57
C LEU A 197 -10.41 -9.57 12.80
N LEU A 198 -11.64 -9.96 12.47
CA LEU A 198 -12.84 -9.11 12.64
C LEU A 198 -13.39 -9.04 14.07
N GLN A 199 -13.08 -10.00 14.95
CA GLN A 199 -13.54 -9.99 16.37
C GLN A 199 -12.38 -9.89 17.41
N HIS A 200 -11.29 -9.23 17.00
CA HIS A 200 -10.10 -8.97 17.84
C HIS A 200 -9.45 -7.64 17.44
N ASP A 201 -9.05 -6.85 18.45
CA ASP A 201 -8.33 -5.58 18.28
C ASP A 201 -6.90 -5.75 18.75
N LEU A 202 -5.98 -5.02 18.10
CA LEU A 202 -4.55 -5.04 18.46
C LEU A 202 -4.30 -4.29 19.77
N VAL A 203 -3.49 -4.89 20.65
CA VAL A 203 -3.08 -4.31 21.94
C VAL A 203 -1.58 -4.03 21.94
N HIS A 204 -0.79 -5.07 21.60
CA HIS A 204 0.68 -4.99 21.57
C HIS A 204 1.32 -5.91 20.51
N VAL A 205 2.46 -5.47 19.96
CA VAL A 205 3.23 -6.22 18.94
C VAL A 205 4.73 -6.13 19.24
N ASP A 206 5.41 -7.29 19.28
CA ASP A 206 6.87 -7.41 19.44
C ASP A 206 7.36 -8.02 18.15
N VAL A 207 8.30 -7.35 17.46
CA VAL A 207 8.85 -7.79 16.18
C VAL A 207 10.38 -7.87 16.28
N ARG A 208 10.96 -8.94 15.72
CA ARG A 208 12.41 -9.12 15.65
C ARG A 208 12.75 -9.54 14.21
N TYR A 209 13.55 -8.73 13.52
CA TYR A 209 14.00 -8.99 12.14
C TYR A 209 15.32 -9.72 12.29
N GLU A 210 15.38 -10.93 11.75
CA GLU A 210 16.53 -11.86 11.87
C GLU A 210 17.39 -12.03 10.62
N ASN A 211 16.72 -12.16 9.47
CA ASN A 211 17.35 -12.30 8.14
C ASN A 211 16.49 -11.60 7.08
N GLU A 212 17.15 -10.95 6.12
CA GLU A 212 16.50 -10.21 5.07
C GLU A 212 15.82 -11.18 4.08
N VAL A 213 14.63 -10.81 3.62
CA VAL A 213 13.87 -11.54 2.60
C VAL A 213 14.12 -10.71 1.33
N LYS A 214 14.38 -11.39 0.23
CA LYS A 214 14.70 -10.77 -1.07
C LYS A 214 13.64 -11.02 -2.15
N TYR A 215 13.68 -10.15 -3.18
CA TYR A 215 12.77 -10.20 -4.35
C TYR A 215 12.79 -11.58 -5.02
N GLY A 216 11.59 -12.08 -5.36
CA GLY A 216 11.41 -13.37 -6.01
C GLY A 216 11.36 -14.59 -5.11
N GLN A 217 11.78 -14.47 -3.83
CA GLN A 217 11.76 -15.58 -2.86
C GLN A 217 10.33 -15.87 -2.44
N THR A 218 10.11 -17.12 -2.01
CA THR A 218 8.84 -17.58 -1.49
C THR A 218 9.07 -17.66 0.02
N VAL A 219 8.27 -16.93 0.78
CA VAL A 219 8.32 -16.96 2.24
C VAL A 219 7.17 -17.87 2.68
N THR A 220 7.37 -18.56 3.80
CA THR A 220 6.37 -19.39 4.44
C THR A 220 6.09 -18.64 5.76
N ALA A 221 4.84 -18.19 5.92
CA ALA A 221 4.36 -17.47 7.10
C ALA A 221 3.66 -18.51 7.95
N HIS A 222 4.07 -18.61 9.23
CA HIS A 222 3.52 -19.54 10.21
C HIS A 222 2.83 -18.74 11.32
N ALA A 223 1.74 -19.27 11.89
CA ALA A 223 1.01 -18.61 12.99
C ALA A 223 0.35 -19.61 13.94
N ASN A 224 0.51 -19.37 15.26
CA ASN A 224 -0.07 -20.15 16.36
C ASN A 224 -0.96 -19.23 17.17
N ILE A 225 -2.26 -19.56 17.30
CA ILE A 225 -3.20 -18.81 18.14
C ILE A 225 -3.02 -19.53 19.48
N LEU A 226 -2.44 -18.85 20.47
CA LEU A 226 -2.13 -19.39 21.80
C LEU A 226 -2.95 -18.78 22.92
N PRO A 227 -3.17 -19.53 24.04
CA PRO A 227 -3.91 -18.93 25.19
C PRO A 227 -3.06 -17.87 25.93
N SER A 228 -3.74 -17.04 26.72
CA SER A 228 -3.12 -15.96 27.52
C SER A 228 -3.63 -15.94 28.96
N GLU A 229 -2.75 -15.56 29.88
CA GLU A 229 -3.08 -15.39 31.31
C GLU A 229 -3.96 -14.15 31.55
N VAL A 230 -3.87 -13.14 30.66
CA VAL A 230 -4.66 -11.89 30.73
C VAL A 230 -6.10 -12.19 30.27
N ALA A 231 -7.08 -11.72 31.04
CA ALA A 231 -8.52 -11.90 30.73
C ALA A 231 -8.92 -11.07 29.50
N ASP A 232 -9.84 -11.63 28.69
CA ASP A 232 -10.35 -11.03 27.43
C ASP A 232 -9.23 -10.83 26.35
N GLN A 233 -8.09 -11.54 26.47
CA GLN A 233 -6.96 -11.46 25.53
C GLN A 233 -6.49 -12.83 25.04
N VAL A 234 -5.85 -12.78 23.87
CA VAL A 234 -5.27 -13.93 23.19
C VAL A 234 -3.95 -13.48 22.56
N THR A 235 -3.02 -14.43 22.44
CA THR A 235 -1.68 -14.21 21.88
C THR A 235 -1.51 -15.01 20.61
N THR A 236 -0.95 -14.37 19.57
CA THR A 236 -0.60 -15.04 18.31
C THR A 236 0.92 -14.95 18.19
N SER A 237 1.56 -16.09 17.89
CA SER A 237 3.02 -16.21 17.72
C SER A 237 3.21 -16.49 16.24
N HIS A 238 4.05 -15.69 15.58
CA HIS A 238 4.29 -15.78 14.13
C HIS A 238 5.76 -15.93 13.74
N LEU A 239 5.99 -16.60 12.61
CA LEU A 239 7.31 -16.79 12.00
C LEU A 239 7.23 -16.62 10.50
N ILE A 240 8.15 -15.82 9.94
CA ILE A 240 8.33 -15.64 8.50
C ILE A 240 9.68 -16.33 8.25
N GLU A 241 9.72 -17.30 7.34
CA GLU A 241 10.95 -18.03 6.99
C GLU A 241 11.04 -18.35 5.50
N VAL A 242 12.28 -18.51 5.01
CA VAL A 242 12.61 -18.85 3.62
C VAL A 242 13.58 -20.03 3.70
N ASP A 243 13.18 -21.20 3.18
CA ASP A 243 13.97 -22.46 3.20
C ASP A 243 14.40 -22.89 4.62
N ASP A 244 13.44 -22.77 5.55
CA ASP A 244 13.62 -23.06 7.00
C ASP A 244 14.60 -22.14 7.77
N GLU A 245 15.05 -21.02 7.17
CA GLU A 245 15.93 -20.03 7.81
C GLU A 245 14.96 -18.98 8.36
N LYS A 246 15.01 -18.73 9.67
CA LYS A 246 14.13 -17.74 10.32
C LYS A 246 14.49 -16.31 9.89
N CYS A 247 13.51 -15.59 9.32
CA CYS A 247 13.66 -14.19 8.84
C CYS A 247 13.04 -13.12 9.75
N CYS A 248 11.89 -13.43 10.33
CA CYS A 248 11.18 -12.52 11.24
C CYS A 248 10.27 -13.28 12.19
N GLU A 249 10.35 -12.94 13.48
CA GLU A 249 9.51 -13.51 14.55
C GLU A 249 8.69 -12.38 15.15
N VAL A 250 7.37 -12.61 15.27
CA VAL A 250 6.42 -11.64 15.80
C VAL A 250 5.47 -12.28 16.82
N THR A 251 5.21 -11.55 17.91
CA THR A 251 4.25 -11.97 18.96
C THR A 251 3.27 -10.80 19.07
N ILE A 252 1.98 -11.09 18.93
CA ILE A 252 0.92 -10.08 19.00
C ILE A 252 -0.04 -10.41 20.14
N GLN A 253 -0.36 -9.40 20.94
CA GLN A 253 -1.32 -9.50 22.05
C GLN A 253 -2.57 -8.81 21.49
N TRP A 254 -3.68 -9.53 21.46
CA TRP A 254 -4.98 -9.07 20.98
C TRP A 254 -5.98 -9.07 22.11
N ARG A 255 -7.05 -8.26 21.97
CA ARG A 255 -8.16 -8.19 22.93
CA ARG A 255 -8.16 -8.21 22.92
C ARG A 255 -9.40 -8.71 22.18
N THR A 256 -10.11 -9.68 22.77
CA THR A 256 -11.31 -10.29 22.16
C THR A 256 -12.51 -9.34 22.31
N LEU A 257 -13.16 -9.01 21.18
CA LEU A 257 -14.33 -8.13 21.13
C LEU A 257 -15.59 -8.94 21.51
N PRO A 258 -16.65 -8.27 22.06
CA PRO A 258 -17.86 -9.01 22.48
C PRO A 258 -18.73 -9.57 21.33
N GLU A 259 -19.05 -8.74 20.34
CA GLU A 259 -19.90 -9.14 19.18
C GLU A 259 -19.68 -8.23 17.97
N THR B 4 -17.57 19.86 -26.23
CA THR B 4 -16.79 18.96 -25.32
C THR B 4 -17.73 18.22 -24.34
N LEU B 5 -17.47 16.93 -24.14
CA LEU B 5 -18.27 16.05 -23.27
C LEU B 5 -18.02 16.36 -21.78
N GLY B 6 -19.01 17.00 -21.15
CA GLY B 6 -18.99 17.38 -19.72
C GLY B 6 -18.30 18.69 -19.37
N ALA B 7 -18.42 19.71 -20.24
CA ALA B 7 -17.84 21.07 -20.02
C ALA B 7 -18.42 21.77 -18.78
N ASN B 8 -19.73 21.64 -18.60
CA ASN B 8 -20.47 22.22 -17.46
C ASN B 8 -20.36 21.42 -16.13
N ALA B 9 -19.76 20.21 -16.16
CA ALA B 9 -19.61 19.36 -14.94
C ALA B 9 -18.60 19.97 -13.96
N SER B 10 -18.90 19.84 -12.65
CA SER B 10 -18.08 20.40 -11.57
C SER B 10 -16.70 19.74 -11.48
N LEU B 11 -15.67 20.56 -11.27
CA LEU B 11 -14.27 20.12 -11.15
C LEU B 11 -13.87 20.21 -9.67
N TYR B 12 -13.58 19.05 -9.06
CA TYR B 12 -13.14 18.94 -7.66
C TYR B 12 -11.67 18.54 -7.69
N SER B 13 -10.82 19.26 -6.93
CA SER B 13 -9.38 18.96 -6.83
C SER B 13 -8.82 18.98 -5.40
N GLU B 14 -7.72 18.25 -5.22
CA GLU B 14 -6.99 18.18 -3.95
C GLU B 14 -5.51 17.86 -4.20
N GLN B 15 -4.66 18.22 -3.24
CA GLN B 15 -3.22 17.96 -3.29
C GLN B 15 -2.92 16.65 -2.54
N HIS B 16 -1.91 15.93 -3.02
CA HIS B 16 -1.46 14.68 -2.41
C HIS B 16 0.06 14.56 -2.49
N ARG B 17 0.67 14.26 -1.35
CA ARG B 17 2.08 14.06 -1.19
C ARG B 17 2.30 12.57 -1.45
N ILE B 18 3.11 12.25 -2.46
CA ILE B 18 3.45 10.87 -2.83
C ILE B 18 4.51 10.41 -1.82
N THR B 19 4.19 9.35 -1.06
CA THR B 19 5.08 8.79 -0.04
C THR B 19 5.95 7.69 -0.65
N TYR B 20 7.06 7.36 0.02
CA TYR B 20 8.00 6.28 -0.40
C TYR B 20 7.25 4.92 -0.54
N TYR B 21 6.31 4.66 0.39
CA TYR B 21 5.51 3.41 0.42
C TYR B 21 4.45 3.31 -0.68
N GLU B 22 4.10 4.45 -1.30
CA GLU B 22 3.21 4.49 -2.48
C GLU B 22 4.02 4.31 -3.80
N CYS B 23 5.36 4.22 -3.72
CA CYS B 23 6.24 4.06 -4.86
C CYS B 23 6.88 2.69 -4.90
N ASP B 24 7.41 2.37 -6.08
CA ASP B 24 8.13 1.12 -6.35
C ASP B 24 9.61 1.40 -6.03
N ARG B 25 10.48 0.45 -6.37
CA ARG B 25 11.94 0.58 -6.15
C ARG B 25 12.66 1.71 -6.93
N THR B 26 12.05 2.21 -8.02
CA THR B 26 12.61 3.31 -8.83
C THR B 26 12.28 4.74 -8.27
N GLY B 27 11.59 4.85 -7.13
CA GLY B 27 11.19 6.14 -6.54
C GLY B 27 10.04 6.84 -7.25
N ARG B 28 9.19 6.06 -7.94
CA ARG B 28 8.02 6.57 -8.68
C ARG B 28 6.78 5.80 -8.27
N ALA B 29 5.64 6.49 -8.27
CA ALA B 29 4.34 5.94 -7.90
C ALA B 29 3.95 4.73 -8.75
N THR B 30 3.36 3.74 -8.10
CA THR B 30 2.89 2.53 -8.77
C THR B 30 1.52 2.83 -9.39
N LEU B 31 1.06 1.93 -10.27
CA LEU B 31 -0.30 2.03 -10.87
C LEU B 31 -1.38 1.89 -9.79
N THR B 32 -1.12 1.03 -8.79
CA THR B 32 -2.01 0.83 -7.62
C THR B 32 -2.23 2.20 -6.95
N THR B 33 -1.13 2.92 -6.68
CA THR B 33 -1.18 4.29 -6.10
C THR B 33 -1.91 5.31 -6.98
N LEU B 34 -1.67 5.25 -8.30
CA LEU B 34 -2.30 6.16 -9.29
C LEU B 34 -3.83 6.05 -9.23
N ILE B 35 -4.35 4.81 -9.26
CA ILE B 35 -5.81 4.56 -9.13
C ILE B 35 -6.29 4.91 -7.71
N ASP B 36 -5.50 4.54 -6.69
CA ASP B 36 -5.81 4.87 -5.27
C ASP B 36 -6.11 6.37 -5.03
N ILE B 37 -5.20 7.23 -5.53
CA ILE B 37 -5.34 8.71 -5.37
C ILE B 37 -6.44 9.30 -6.28
N ALA B 38 -6.67 8.71 -7.47
CA ALA B 38 -7.77 9.14 -8.39
C ALA B 38 -9.12 8.89 -7.71
N VAL B 39 -9.30 7.67 -7.19
CA VAL B 39 -10.52 7.25 -6.45
C VAL B 39 -10.68 8.03 -5.11
N LEU B 40 -9.57 8.39 -4.44
CA LEU B 40 -9.56 9.22 -3.21
C LEU B 40 -10.18 10.58 -3.51
N ALA B 41 -9.77 11.19 -4.63
CA ALA B 41 -10.32 12.49 -5.12
C ALA B 41 -11.84 12.38 -5.45
N SER B 42 -12.24 11.25 -6.06
CA SER B 42 -13.64 10.96 -6.42
C SER B 42 -14.53 10.76 -5.18
N GLU B 43 -14.05 9.98 -4.19
CA GLU B 43 -14.80 9.77 -2.91
C GLU B 43 -14.96 11.07 -2.10
N ASP B 44 -13.94 11.94 -2.11
CA ASP B 44 -13.97 13.25 -1.42
C ASP B 44 -14.90 14.25 -2.09
N GLN B 45 -14.97 14.22 -3.43
CA GLN B 45 -15.92 15.07 -4.20
C GLN B 45 -17.34 14.63 -3.79
N SER B 46 -17.56 13.31 -3.84
CA SER B 46 -18.84 12.65 -3.48
C SER B 46 -19.25 12.91 -2.01
N ASP B 47 -18.29 12.85 -1.07
CA ASP B 47 -18.55 13.15 0.36
C ASP B 47 -18.93 14.63 0.59
N ALA B 48 -18.18 15.55 -0.06
CA ALA B 48 -18.44 17.03 0.01
C ALA B 48 -19.85 17.42 -0.48
N LEU B 49 -20.34 16.75 -1.53
CA LEU B 49 -21.70 16.95 -2.09
C LEU B 49 -22.84 16.19 -1.34
N GLY B 50 -22.50 15.39 -0.33
CA GLY B 50 -23.45 14.57 0.44
C GLY B 50 -23.57 13.12 -0.01
N LEU B 51 -23.03 12.76 -1.18
CA LEU B 51 -23.09 11.39 -1.76
C LEU B 51 -22.05 10.43 -1.12
N THR B 52 -22.24 10.12 0.17
CA THR B 52 -21.37 9.20 0.91
C THR B 52 -21.68 7.74 0.54
N THR B 53 -20.82 6.82 0.97
CA THR B 53 -21.01 5.36 0.73
C THR B 53 -22.27 4.81 1.45
N GLU B 54 -22.64 5.40 2.60
CA GLU B 54 -23.82 5.00 3.39
C GLU B 54 -25.14 5.35 2.69
N VAL B 56 -25.62 6.16 -0.57
CA VAL B 56 -25.70 5.50 -1.89
C VAL B 56 -26.20 4.06 -1.66
N GLN B 57 -25.61 3.36 -0.69
CA GLN B 57 -26.02 1.99 -0.30
C GLN B 57 -27.44 1.92 0.36
N SER B 58 -27.95 3.04 0.91
CA SER B 58 -29.33 3.10 1.49
C SER B 58 -30.41 2.93 0.39
N HIS B 59 -30.09 3.35 -0.85
CA HIS B 59 -30.97 3.21 -2.04
C HIS B 59 -30.89 1.79 -2.72
N GLY B 60 -30.21 0.81 -2.10
CA GLY B 60 -30.07 -0.55 -2.62
C GLY B 60 -29.23 -0.67 -3.89
N VAL B 61 -28.22 0.20 -4.01
CA VAL B 61 -27.30 0.29 -5.17
C VAL B 61 -25.89 0.78 -4.79
N GLY B 62 -24.95 0.56 -5.71
CA GLY B 62 -23.54 0.98 -5.52
C GLY B 62 -22.79 1.11 -6.84
N TRP B 63 -21.88 2.08 -6.92
CA TRP B 63 -21.07 2.32 -8.12
C TRP B 63 -20.01 1.22 -8.28
N VAL B 64 -19.89 0.68 -9.49
CA VAL B 64 -18.94 -0.39 -9.84
C VAL B 64 -18.25 0.02 -11.15
N VAL B 65 -16.93 0.29 -11.09
CA VAL B 65 -16.16 0.67 -12.29
C VAL B 65 -15.97 -0.57 -13.18
N THR B 66 -16.37 -0.45 -14.44
CA THR B 66 -16.27 -1.48 -15.46
C THR B 66 -15.05 -1.29 -16.38
N GLN B 67 -14.66 -0.03 -16.64
CA GLN B 67 -13.53 0.32 -17.52
C GLN B 67 -12.64 1.48 -17.07
N TYR B 68 -11.36 1.42 -17.47
CA TYR B 68 -10.35 2.49 -17.26
C TYR B 68 -9.46 2.61 -18.53
N ALA B 69 -9.15 3.85 -18.92
CA ALA B 69 -8.21 4.19 -20.00
C ALA B 69 -7.32 5.23 -19.33
N ILE B 70 -6.01 4.96 -19.23
CA ILE B 70 -5.02 5.84 -18.55
C ILE B 70 -3.96 6.26 -19.54
N ASP B 71 -3.75 7.57 -19.71
CA ASP B 71 -2.75 8.19 -20.58
C ASP B 71 -1.70 8.73 -19.61
N ILE B 72 -0.50 8.13 -19.60
CA ILE B 72 0.60 8.51 -18.69
C ILE B 72 1.73 9.27 -19.39
N THR B 73 1.94 10.55 -19.02
CA THR B 73 3.05 11.40 -19.51
C THR B 73 4.26 10.97 -18.66
N ARG B 74 4.11 11.01 -17.34
CA ARG B 74 5.10 10.49 -16.39
C ARG B 74 4.42 10.19 -15.06
N PRO B 76 3.96 10.08 -10.97
CA PRO B 76 4.42 10.93 -9.87
C PRO B 76 5.66 10.32 -9.14
N ARG B 77 6.59 11.19 -8.75
CA ARG B 77 7.83 10.81 -8.05
C ARG B 77 7.61 10.84 -6.54
N GLN B 78 8.48 10.12 -5.81
CA GLN B 78 8.47 10.12 -4.33
C GLN B 78 8.67 11.56 -3.82
N ASP B 79 7.87 11.94 -2.82
CA ASP B 79 7.85 13.28 -2.19
C ASP B 79 7.33 14.44 -3.07
N GLU B 80 6.73 14.12 -4.23
CA GLU B 80 6.17 15.13 -5.12
C GLU B 80 4.76 15.40 -4.61
N VAL B 81 4.36 16.68 -4.62
CA VAL B 81 3.03 17.09 -4.20
C VAL B 81 2.28 17.23 -5.53
N VAL B 82 1.39 16.27 -5.80
CA VAL B 82 0.57 16.26 -7.02
C VAL B 82 -0.84 16.75 -6.73
N THR B 83 -1.49 17.31 -7.75
CA THR B 83 -2.86 17.82 -7.71
C THR B 83 -3.71 16.79 -8.48
N ILE B 84 -4.72 16.23 -7.81
CA ILE B 84 -5.66 15.25 -8.41
C ILE B 84 -6.99 15.97 -8.64
N ALA B 85 -7.28 16.30 -9.91
CA ALA B 85 -8.54 16.95 -10.33
C ALA B 85 -9.46 15.84 -10.83
N VAL B 86 -10.76 15.94 -10.50
CA VAL B 86 -11.79 14.94 -10.89
C VAL B 86 -13.11 15.61 -11.34
N ARG B 87 -13.84 14.94 -12.24
CA ARG B 87 -15.12 15.43 -12.79
C ARG B 87 -16.04 14.29 -13.25
N GLY B 88 -17.30 14.31 -12.79
CA GLY B 88 -18.36 13.36 -13.17
C GLY B 88 -18.89 14.10 -14.40
N SER B 89 -18.22 13.89 -15.52
CA SER B 89 -18.47 14.58 -16.80
C SER B 89 -19.86 14.38 -17.41
N ALA B 90 -20.26 13.12 -17.55
CA ALA B 90 -21.57 12.78 -18.14
C ALA B 90 -22.07 11.38 -17.81
N TYR B 91 -23.31 11.09 -18.25
CA TYR B 91 -23.95 9.76 -18.05
C TYR B 91 -25.13 9.52 -19.00
N ASN B 92 -25.46 8.24 -19.21
CA ASN B 92 -26.62 7.77 -20.01
C ASN B 92 -27.48 6.89 -19.02
N PRO B 93 -28.63 6.30 -19.45
CA PRO B 93 -29.48 5.47 -18.54
C PRO B 93 -28.81 4.37 -17.66
N TYR B 94 -27.71 3.77 -18.15
CA TYR B 94 -26.95 2.70 -17.45
C TYR B 94 -25.47 3.01 -17.09
N PHE B 95 -24.74 3.69 -17.98
CA PHE B 95 -23.30 4.03 -17.82
C PHE B 95 -23.00 5.50 -17.46
N ALA B 96 -22.02 5.70 -16.57
CA ALA B 96 -21.55 7.02 -16.11
C ALA B 96 -20.09 7.21 -16.55
N TYR B 97 -19.79 8.36 -17.17
CA TYR B 97 -18.44 8.72 -17.67
C TYR B 97 -17.73 9.67 -16.67
N ARG B 98 -16.63 9.19 -16.07
CA ARG B 98 -15.84 9.96 -15.08
C ARG B 98 -14.38 10.14 -15.52
N GLU B 99 -13.92 11.40 -15.47
CA GLU B 99 -12.56 11.81 -15.85
C GLU B 99 -11.73 12.24 -14.63
N PHE B 100 -10.42 12.00 -14.71
CA PHE B 100 -9.44 12.36 -13.65
C PHE B 100 -8.16 12.93 -14.28
N TRP B 101 -7.55 13.93 -13.65
CA TRP B 101 -6.29 14.54 -14.09
C TRP B 101 -5.32 14.62 -12.92
N ILE B 102 -4.15 14.00 -13.06
CA ILE B 102 -3.07 14.03 -12.05
C ILE B 102 -2.08 15.02 -12.67
N ARG B 103 -1.83 16.13 -11.96
CA ARG B 103 -0.93 17.22 -12.39
CA ARG B 103 -0.91 17.21 -12.39
C ARG B 103 0.17 17.48 -11.36
N ASP B 104 1.30 18.05 -11.82
CA ASP B 104 2.46 18.40 -10.93
C ASP B 104 2.23 19.76 -10.25
N ALA B 105 3.17 20.15 -9.38
CA ALA B 105 3.15 21.46 -8.65
C ALA B 105 3.07 22.70 -9.56
N ASP B 106 3.69 22.63 -10.74
CA ASP B 106 3.68 23.70 -11.77
C ASP B 106 2.46 23.67 -12.73
N GLY B 107 1.52 22.71 -12.56
CA GLY B 107 0.32 22.56 -13.41
C GLY B 107 0.41 21.67 -14.63
N GLN B 108 1.58 21.09 -14.93
CA GLN B 108 1.78 20.22 -16.10
C GLN B 108 1.16 18.84 -15.85
N GLN B 109 0.49 18.28 -16.86
CA GLN B 109 -0.18 16.97 -16.76
C GLN B 109 0.79 15.79 -16.68
N LEU B 110 0.61 14.98 -15.62
CA LEU B 110 1.37 13.75 -15.35
C LEU B 110 0.60 12.55 -15.89
N ALA B 111 -0.70 12.48 -15.56
CA ALA B 111 -1.61 11.41 -16.02
C ALA B 111 -3.04 11.91 -16.25
N TYR B 112 -3.73 11.25 -17.19
CA TYR B 112 -5.13 11.54 -17.57
C TYR B 112 -5.86 10.19 -17.62
N ILE B 113 -6.90 10.04 -16.79
CA ILE B 113 -7.70 8.83 -16.66
C ILE B 113 -9.15 9.09 -17.07
N THR B 114 -9.67 8.21 -17.92
CA THR B 114 -11.09 8.19 -18.34
C THR B 114 -11.63 6.86 -17.83
N SER B 115 -12.92 6.81 -17.51
CA SER B 115 -13.55 5.60 -16.97
C SER B 115 -15.06 5.50 -17.16
N ILE B 116 -15.57 4.27 -17.05
CA ILE B 116 -16.99 3.91 -17.15
C ILE B 116 -17.40 3.21 -15.84
N TRP B 117 -18.55 3.63 -15.28
CA TRP B 117 -19.12 3.10 -14.05
C TRP B 117 -20.60 2.70 -14.24
N VAL B 118 -21.04 1.65 -13.54
CA VAL B 118 -22.43 1.12 -13.58
C VAL B 118 -22.98 0.91 -12.15
N SER B 121 -26.99 -3.59 -8.04
CA SER B 121 -27.91 -3.74 -6.89
C SER B 121 -27.24 -4.54 -5.76
N GLN B 122 -27.60 -4.21 -4.51
CA GLN B 122 -27.03 -4.89 -3.31
C GLN B 122 -27.58 -6.31 -3.12
N THR B 123 -28.90 -6.47 -3.28
CA THR B 123 -29.59 -7.78 -3.12
C THR B 123 -29.48 -8.67 -4.36
N THR B 124 -30.12 -8.26 -5.48
CA THR B 124 -30.15 -9.05 -6.74
C THR B 124 -28.80 -9.18 -7.51
N ARG B 125 -27.90 -8.20 -7.38
CA ARG B 125 -26.57 -8.17 -8.04
C ARG B 125 -26.65 -8.11 -9.59
N ARG B 126 -27.48 -7.18 -10.08
CA ARG B 126 -27.73 -6.91 -11.52
C ARG B 126 -27.49 -5.43 -11.87
N ILE B 127 -27.27 -5.17 -13.17
CA ILE B 127 -26.99 -3.81 -13.68
C ILE B 127 -28.31 -3.00 -13.72
N VAL B 128 -28.58 -2.26 -12.64
CA VAL B 128 -29.77 -1.39 -12.54
C VAL B 128 -29.55 -0.05 -13.26
N LYS B 129 -30.63 0.69 -13.50
CA LYS B 129 -30.57 2.01 -14.16
C LYS B 129 -29.96 3.05 -13.22
N ILE B 130 -29.29 4.07 -13.78
CA ILE B 130 -28.66 5.14 -13.00
C ILE B 130 -29.73 6.08 -12.44
N LEU B 131 -29.71 6.29 -11.12
CA LEU B 131 -30.64 7.17 -10.41
C LEU B 131 -30.11 8.59 -10.61
N PRO B 132 -30.90 9.53 -11.21
CA PRO B 132 -30.41 10.93 -11.40
C PRO B 132 -30.07 11.71 -10.10
N GLU B 133 -30.70 11.36 -8.96
CA GLU B 133 -30.40 11.98 -7.64
C GLU B 133 -28.95 11.72 -7.17
N LEU B 134 -28.42 10.52 -7.45
CA LEU B 134 -27.03 10.13 -7.11
C LEU B 134 -25.94 10.68 -8.08
N VAL B 135 -26.35 11.22 -9.24
CA VAL B 135 -25.47 11.83 -10.27
C VAL B 135 -25.63 13.38 -10.39
N ALA B 136 -26.85 13.91 -10.18
CA ALA B 136 -27.17 15.38 -10.23
C ALA B 136 -26.20 16.32 -9.49
N PRO B 137 -25.81 16.03 -8.21
CA PRO B 137 -24.84 16.86 -7.46
C PRO B 137 -23.46 17.08 -8.17
N TYR B 138 -23.03 16.13 -9.01
CA TYR B 138 -21.79 16.27 -9.81
C TYR B 138 -21.97 17.23 -11.02
N GLN B 139 -23.22 17.55 -11.39
CA GLN B 139 -23.61 18.41 -12.53
C GLN B 139 -23.22 17.75 -13.88
N SER B 140 -23.42 16.42 -13.95
CA SER B 140 -23.09 15.60 -15.13
C SER B 140 -24.13 15.79 -16.22
N GLU B 141 -23.69 15.92 -17.49
CA GLU B 141 -24.64 16.11 -18.62
C GLU B 141 -25.27 14.76 -19.02
N VAL B 142 -26.54 14.80 -19.41
CA VAL B 142 -27.31 13.63 -19.85
C VAL B 142 -27.00 13.45 -21.34
N VAL B 143 -26.52 12.26 -21.73
CA VAL B 143 -26.14 11.91 -23.12
C VAL B 143 -26.76 10.59 -23.62
N ARG B 145 -24.67 10.21 -26.46
CA ARG B 145 -23.84 9.02 -26.36
C ARG B 145 -22.48 9.28 -25.70
N ILE B 146 -21.94 8.22 -25.08
CA ILE B 146 -20.65 8.20 -24.39
C ILE B 146 -19.70 7.40 -25.32
N PRO B 147 -18.65 8.05 -25.93
CA PRO B 147 -17.68 7.34 -26.81
C PRO B 147 -17.03 6.10 -26.17
N ARG B 148 -16.74 5.09 -27.00
CA ARG B 148 -16.17 3.81 -26.53
CA ARG B 148 -16.16 3.80 -26.56
C ARG B 148 -14.70 4.05 -26.17
N LEU B 149 -14.28 3.62 -24.98
CA LEU B 149 -12.88 3.78 -24.53
C LEU B 149 -11.97 2.79 -25.30
N PRO B 150 -10.63 3.05 -25.37
CA PRO B 150 -9.72 2.11 -26.05
C PRO B 150 -9.76 0.72 -25.40
N ARG B 151 -10.13 -0.30 -26.18
CA ARG B 151 -10.22 -1.67 -25.67
C ARG B 151 -8.86 -2.33 -25.48
N PRO B 152 -8.72 -3.20 -24.43
CA PRO B 152 -7.49 -3.96 -24.32
C PRO B 152 -7.47 -5.07 -25.41
N ILE B 153 -6.29 -5.61 -25.65
CA ILE B 153 -6.08 -6.72 -26.61
C ILE B 153 -6.81 -7.94 -26.03
N SER B 154 -7.48 -8.70 -26.89
CA SER B 154 -8.20 -9.92 -26.48
C SER B 154 -7.06 -10.91 -26.15
N PHE B 155 -6.92 -11.24 -24.86
CA PHE B 155 -5.85 -12.12 -24.40
C PHE B 155 -5.90 -13.54 -25.02
N GLU B 156 -4.78 -13.95 -25.61
CA GLU B 156 -4.57 -15.26 -26.20
C GLU B 156 -3.27 -15.83 -25.63
N ALA B 157 -3.37 -16.96 -24.92
CA ALA B 157 -2.22 -17.62 -24.33
C ALA B 157 -1.38 -18.29 -25.42
N THR B 158 -0.06 -18.24 -25.25
CA THR B 158 0.91 -18.86 -26.16
C THR B 158 1.94 -19.64 -25.32
N ASP B 159 2.85 -20.35 -26.00
CA ASP B 159 3.94 -21.11 -25.35
C ASP B 159 4.87 -20.27 -24.44
N THR B 160 5.02 -18.98 -24.77
CA THR B 160 5.85 -18.00 -24.04
C THR B 160 5.08 -17.12 -23.00
N THR B 161 3.80 -17.43 -22.73
CA THR B 161 2.98 -16.67 -21.74
C THR B 161 3.55 -16.83 -20.33
N ILE B 162 3.70 -15.70 -19.62
CA ILE B 162 4.19 -15.67 -18.24
C ILE B 162 2.94 -15.83 -17.39
N THR B 163 2.91 -16.86 -16.55
CA THR B 163 1.78 -17.15 -15.64
C THR B 163 2.26 -17.24 -14.18
N LYS B 164 1.57 -16.51 -13.28
CA LYS B 164 1.84 -16.53 -11.82
C LYS B 164 0.53 -16.57 -11.02
N PRO B 165 0.45 -17.44 -9.97
CA PRO B 165 -0.75 -17.45 -9.13
C PRO B 165 -0.61 -16.40 -8.01
N TYR B 166 -1.73 -15.82 -7.61
CA TYR B 166 -1.81 -14.85 -6.49
C TYR B 166 -3.04 -15.19 -5.65
N HIS B 167 -2.89 -15.08 -4.33
CA HIS B 167 -3.96 -15.34 -3.37
C HIS B 167 -4.47 -13.98 -2.91
N VAL B 168 -5.80 -13.85 -2.78
CA VAL B 168 -6.45 -12.60 -2.34
C VAL B 168 -6.27 -12.55 -0.81
N ARG B 169 -5.65 -11.46 -0.34
CA ARG B 169 -5.35 -11.24 1.09
C ARG B 169 -6.42 -10.46 1.81
N PHE B 170 -6.35 -10.48 3.15
CA PHE B 170 -7.27 -9.76 4.03
C PHE B 170 -7.19 -8.24 3.73
N PHE B 171 -5.97 -7.68 3.64
CA PHE B 171 -5.79 -6.24 3.33
C PHE B 171 -6.21 -5.80 1.91
N ASP B 172 -6.45 -6.75 0.97
CA ASP B 172 -6.97 -6.42 -0.37
C ASP B 172 -8.46 -5.95 -0.32
N ILE B 173 -9.21 -6.37 0.71
CA ILE B 173 -10.62 -5.99 0.92
C ILE B 173 -10.60 -4.65 1.69
N ASP B 174 -10.90 -3.54 0.99
CA ASP B 174 -10.89 -2.17 1.59
C ASP B 174 -12.21 -1.90 2.43
N PRO B 175 -12.33 -0.75 3.16
CA PRO B 175 -13.49 -0.36 4.01
C PRO B 175 -14.95 -0.65 3.58
N ASN B 176 -15.23 -0.76 2.26
CA ASN B 176 -16.61 -1.09 1.76
C ASN B 176 -16.94 -2.62 1.65
N ARG B 177 -16.12 -3.49 2.27
CA ARG B 177 -16.28 -4.98 2.29
C ARG B 177 -16.17 -5.67 0.89
N HIS B 178 -15.32 -5.10 0.01
CA HIS B 178 -15.06 -5.61 -1.36
C HIS B 178 -13.57 -5.47 -1.72
N VAL B 179 -13.06 -6.36 -2.59
CA VAL B 179 -11.65 -6.36 -3.04
C VAL B 179 -11.41 -5.13 -3.93
N ASN B 180 -10.60 -4.19 -3.43
CA ASN B 180 -10.22 -2.92 -4.09
C ASN B 180 -9.62 -3.18 -5.48
N ASN B 181 -10.20 -2.53 -6.52
CA ASN B 181 -9.73 -2.67 -7.91
CA ASN B 181 -9.74 -2.65 -7.92
C ASN B 181 -8.26 -2.28 -8.15
N ALA B 182 -7.74 -1.35 -7.34
CA ALA B 182 -6.34 -0.88 -7.43
C ALA B 182 -5.32 -2.01 -7.18
N HIS B 183 -5.64 -2.94 -6.27
CA HIS B 183 -4.76 -4.10 -5.97
C HIS B 183 -4.56 -5.09 -7.12
N TYR B 184 -5.45 -5.06 -8.14
CA TYR B 184 -5.28 -5.89 -9.35
C TYR B 184 -3.94 -5.53 -10.03
N PHE B 185 -3.54 -4.24 -10.01
CA PHE B 185 -2.23 -3.77 -10.54
C PHE B 185 -1.02 -4.38 -9.84
N ASP B 186 -1.16 -4.77 -8.56
CA ASP B 186 -0.11 -5.48 -7.81
C ASP B 186 0.18 -6.81 -8.50
N TRP B 187 -0.87 -7.52 -8.92
CA TRP B 187 -0.77 -8.84 -9.59
C TRP B 187 -0.32 -8.68 -11.04
N LEU B 188 -0.97 -7.75 -11.77
CA LEU B 188 -0.67 -7.45 -13.19
C LEU B 188 0.77 -7.06 -13.46
N VAL B 189 1.25 -6.06 -12.72
CA VAL B 189 2.63 -5.55 -12.85
C VAL B 189 3.67 -6.57 -12.36
N ASP B 190 3.41 -7.20 -11.20
CA ASP B 190 4.33 -8.24 -10.65
C ASP B 190 4.45 -9.50 -11.55
N THR B 191 3.47 -9.77 -12.43
CA THR B 191 3.56 -10.90 -13.41
C THR B 191 4.83 -10.75 -14.29
N LEU B 192 5.16 -9.49 -14.64
CA LEU B 192 6.34 -9.16 -15.44
C LEU B 192 7.59 -9.20 -14.52
N PRO B 193 8.75 -9.62 -15.05
CA PRO B 193 9.96 -9.70 -14.21
C PRO B 193 10.59 -8.32 -13.95
N ALA B 194 11.35 -8.22 -12.85
CA ALA B 194 12.08 -6.98 -12.46
C ALA B 194 13.01 -6.46 -13.58
N THR B 195 13.62 -7.37 -14.37
CA THR B 195 14.49 -7.02 -15.53
C THR B 195 13.72 -6.20 -16.61
N PHE B 196 12.42 -6.52 -16.78
CA PHE B 196 11.53 -5.77 -17.68
C PHE B 196 11.12 -4.43 -17.01
N LEU B 197 10.60 -4.53 -15.78
CA LEU B 197 10.10 -3.35 -15.02
C LEU B 197 11.13 -2.25 -14.76
N LEU B 198 12.38 -2.66 -14.50
CA LEU B 198 13.49 -1.72 -14.27
C LEU B 198 14.01 -0.98 -15.53
N GLN B 199 13.60 -1.38 -16.75
CA GLN B 199 14.01 -0.69 -17.99
C GLN B 199 12.81 -0.30 -18.90
N HIS B 200 11.64 -0.07 -18.28
CA HIS B 200 10.40 0.33 -18.96
C HIS B 200 9.56 1.27 -18.08
N ASP B 201 9.05 2.34 -18.70
CA ASP B 201 8.18 3.35 -18.08
C ASP B 201 6.80 3.24 -18.71
N LEU B 202 5.77 3.53 -17.90
CA LEU B 202 4.37 3.47 -18.33
C LEU B 202 4.02 4.62 -19.27
N VAL B 203 3.35 4.28 -20.38
CA VAL B 203 2.88 5.23 -21.39
C VAL B 203 1.34 5.23 -21.39
N HIS B 204 0.73 4.04 -21.45
CA HIS B 204 -0.73 3.89 -21.49
C HIS B 204 -1.21 2.59 -20.83
N VAL B 205 -2.42 2.60 -20.27
CA VAL B 205 -3.07 1.43 -19.63
C VAL B 205 -4.59 1.38 -19.93
N ASP B 206 -5.08 0.22 -20.39
CA ASP B 206 -6.51 -0.06 -20.63
C ASP B 206 -6.91 -1.17 -19.69
N VAL B 207 -8.04 -1.04 -18.99
CA VAL B 207 -8.53 -2.06 -18.07
C VAL B 207 -10.02 -2.34 -18.31
N ARG B 208 -10.42 -3.62 -18.27
CA ARG B 208 -11.80 -4.09 -18.38
C ARG B 208 -12.03 -5.04 -17.21
N TYR B 209 -13.01 -4.74 -16.33
CA TYR B 209 -13.35 -5.59 -15.19
C TYR B 209 -14.57 -6.39 -15.60
N GLU B 210 -14.43 -7.72 -15.70
CA GLU B 210 -15.52 -8.63 -16.10
C GLU B 210 -16.25 -9.20 -14.87
N ASN B 211 -15.47 -9.74 -13.92
CA ASN B 211 -15.96 -10.37 -12.68
C ASN B 211 -15.12 -9.96 -11.46
N GLU B 212 -15.79 -9.66 -10.35
CA GLU B 212 -15.12 -9.27 -9.09
C GLU B 212 -14.49 -10.50 -8.43
N VAL B 213 -13.32 -10.29 -7.81
CA VAL B 213 -12.57 -11.34 -7.10
C VAL B 213 -12.93 -11.18 -5.62
N LYS B 214 -13.08 -12.31 -4.92
CA LYS B 214 -13.42 -12.36 -3.49
C LYS B 214 -12.29 -12.92 -2.63
N TYR B 215 -12.41 -12.70 -1.32
CA TYR B 215 -11.46 -13.18 -0.29
C TYR B 215 -11.46 -14.71 -0.28
N GLY B 216 -10.26 -15.29 -0.16
CA GLY B 216 -10.07 -16.75 -0.18
C GLY B 216 -9.83 -17.38 -1.55
N GLN B 217 -10.15 -16.66 -2.65
CA GLN B 217 -9.93 -17.15 -4.02
C GLN B 217 -8.48 -16.95 -4.43
N THR B 218 -8.00 -17.87 -5.27
CA THR B 218 -6.65 -17.85 -5.83
C THR B 218 -6.84 -17.40 -7.28
N VAL B 219 -6.28 -16.24 -7.63
CA VAL B 219 -6.34 -15.68 -9.00
C VAL B 219 -5.09 -16.17 -9.77
N THR B 220 -5.25 -16.34 -11.08
CA THR B 220 -4.19 -16.75 -12.01
C THR B 220 -3.96 -15.55 -12.93
N ALA B 221 -2.77 -14.95 -12.84
CA ALA B 221 -2.38 -13.77 -13.64
C ALA B 221 -1.53 -14.23 -14.80
N HIS B 222 -1.89 -13.81 -16.01
CA HIS B 222 -1.18 -14.14 -17.24
C HIS B 222 -0.65 -12.87 -17.90
N ALA B 223 0.48 -12.96 -18.62
CA ALA B 223 1.09 -11.82 -19.34
C ALA B 223 1.92 -12.25 -20.56
N ASN B 224 1.74 -11.51 -21.66
CA ASN B 224 2.45 -11.67 -22.93
C ASN B 224 3.17 -10.36 -23.22
N ILE B 225 4.50 -10.41 -23.40
CA ILE B 225 5.32 -9.25 -23.73
C ILE B 225 5.33 -9.29 -25.26
N LEU B 226 4.71 -8.28 -25.88
CA LEU B 226 4.55 -8.17 -27.34
C LEU B 226 5.32 -7.01 -27.97
N PRO B 227 5.70 -7.14 -29.27
CA PRO B 227 6.34 -6.02 -29.95
C PRO B 227 5.31 -4.94 -30.29
N SER B 228 5.77 -3.69 -30.42
CA SER B 228 4.95 -2.54 -30.77
C SER B 228 5.53 -1.85 -32.01
N GLU B 229 4.64 -1.32 -32.84
CA GLU B 229 5.02 -0.52 -34.02
C GLU B 229 5.46 0.88 -33.61
N VAL B 230 5.06 1.35 -32.40
CA VAL B 230 5.40 2.70 -31.89
C VAL B 230 6.87 2.72 -31.48
N ALA B 231 7.60 3.75 -31.95
CA ALA B 231 9.04 3.95 -31.70
C ALA B 231 9.40 3.93 -30.20
N ASP B 232 10.42 3.14 -29.84
CA ASP B 232 10.92 2.99 -28.46
C ASP B 232 9.94 2.37 -27.46
N GLN B 233 8.93 1.63 -27.96
CA GLN B 233 7.89 1.02 -27.12
C GLN B 233 7.69 -0.49 -27.28
N VAL B 234 7.02 -1.05 -26.27
CA VAL B 234 6.61 -2.46 -26.19
C VAL B 234 5.19 -2.50 -25.59
N THR B 235 4.50 -3.61 -25.82
CA THR B 235 3.12 -3.81 -25.33
C THR B 235 3.05 -5.06 -24.48
N THR B 236 2.32 -4.99 -23.35
CA THR B 236 2.07 -6.18 -22.51
C THR B 236 0.54 -6.39 -22.45
N SER B 237 0.10 -7.61 -22.73
CA SER B 237 -1.30 -8.04 -22.74
C SER B 237 -1.43 -8.91 -21.50
N HIS B 238 -2.37 -8.57 -20.62
CA HIS B 238 -2.60 -9.25 -19.34
C HIS B 238 -4.02 -9.77 -19.19
N LEU B 239 -4.15 -10.84 -18.39
CA LEU B 239 -5.43 -11.48 -18.03
C LEU B 239 -5.37 -12.00 -16.59
N ILE B 240 -6.36 -11.63 -15.77
CA ILE B 240 -6.52 -12.12 -14.40
C ILE B 240 -7.79 -12.97 -14.46
N GLU B 241 -7.69 -14.24 -14.02
CA GLU B 241 -8.80 -15.18 -13.95
C GLU B 241 -8.85 -15.95 -12.63
N VAL B 242 -10.03 -16.48 -12.29
CA VAL B 242 -10.27 -17.28 -11.06
C VAL B 242 -10.97 -18.59 -11.47
N ASP B 243 -10.15 -19.59 -11.82
CA ASP B 243 -10.57 -20.96 -12.24
C ASP B 243 -11.42 -20.98 -13.53
N ASP B 244 -10.75 -20.62 -14.65
CA ASP B 244 -11.35 -20.56 -16.01
C ASP B 244 -12.59 -19.61 -16.11
N GLU B 245 -12.38 -18.38 -15.63
CA GLU B 245 -13.41 -17.32 -15.64
C GLU B 245 -12.69 -15.97 -15.62
N LYS B 246 -12.88 -15.13 -16.65
CA LYS B 246 -12.21 -13.82 -16.77
C LYS B 246 -12.67 -12.84 -15.68
N CYS B 247 -11.70 -12.29 -14.94
CA CYS B 247 -11.91 -11.29 -13.88
C CYS B 247 -11.50 -9.89 -14.34
N CYS B 248 -10.32 -9.79 -14.99
CA CYS B 248 -9.78 -8.54 -15.50
C CYS B 248 -8.87 -8.73 -16.73
N GLU B 249 -9.09 -7.93 -17.79
CA GLU B 249 -8.26 -7.94 -19.03
C GLU B 249 -7.61 -6.56 -19.13
N VAL B 250 -6.28 -6.54 -19.30
CA VAL B 250 -5.48 -5.31 -19.36
C VAL B 250 -4.39 -5.30 -20.44
N THR B 251 -4.25 -4.15 -21.10
CA THR B 251 -3.20 -3.93 -22.11
C THR B 251 -2.43 -2.67 -21.66
N ILE B 252 -1.09 -2.79 -21.54
CA ILE B 252 -0.22 -1.69 -21.11
C ILE B 252 0.80 -1.39 -22.21
N GLN B 253 0.96 -0.10 -22.51
CA GLN B 253 1.95 0.40 -23.47
C GLN B 253 3.09 0.97 -22.61
N TRP B 254 4.31 0.55 -22.91
CA TRP B 254 5.53 0.96 -22.19
C TRP B 254 6.56 1.58 -23.09
N ARG B 255 7.40 2.47 -22.53
CA ARG B 255 8.52 3.10 -23.26
C ARG B 255 9.78 2.39 -22.78
N THR B 256 10.59 1.86 -23.69
CA THR B 256 11.84 1.17 -23.39
C THR B 256 12.90 2.23 -23.07
N LEU B 257 13.49 2.14 -21.87
CA LEU B 257 14.52 3.08 -21.40
C LEU B 257 15.89 2.68 -21.98
N PRO B 258 16.78 3.68 -22.28
CA PRO B 258 18.13 3.35 -22.79
C PRO B 258 18.96 2.44 -21.87
N GLU B 259 18.88 2.67 -20.56
CA GLU B 259 19.58 1.90 -19.54
C GLU B 259 18.65 1.46 -18.41
N PRO B 260 18.98 0.34 -17.71
CA PRO B 260 18.13 -0.06 -16.58
C PRO B 260 18.29 0.89 -15.39
N ILE B 261 17.22 1.01 -14.60
CA ILE B 261 17.22 1.83 -13.38
C ILE B 261 17.91 0.93 -12.34
N GLN B 262 18.96 1.45 -11.69
CA GLN B 262 19.72 0.69 -10.66
C GLN B 262 18.87 0.41 -9.42
#